data_3RT9
#
_entry.id   3RT9
#
_cell.length_a   122.087
_cell.length_b   122.087
_cell.length_c   155.509
_cell.angle_alpha   90.000
_cell.angle_beta   90.000
_cell.angle_gamma   90.000
#
_symmetry.space_group_name_H-M   'I 4 2 2'
#
loop_
_entity.id
_entity.type
_entity.pdbx_description
1 polymer 'Putative uncharacterized protein'
2 polymer 'Unknown peptide, probably from expression host'
3 non-polymer 'POTASSIUM ION'
4 non-polymer 'COENZYME A'
5 water water
#
loop_
_entity_poly.entity_id
_entity_poly.type
_entity_poly.pdbx_seq_one_letter_code
_entity_poly.pdbx_strand_id
1 'polypeptide(L)'
;MGSDKIHHHHHHMKEIDELTIKEYGVDSRILMERAGISVVLAMEEELGNLSDYRFLVLCGGGNNGGDGFVVARNLLGVVK
DVLVVFLGKKKTPDCEYNYGLYKKFGGKVVEQFEPSILNEFDVVVDAIFGTGLRGEITGEYAEIINLVNKSGKVVVSVDV
PSGIDSNTGKVLRTAVKADLTVTFGVPKIGHILFPGRDLTGKLKVANIGHPVHLINSINRYVITREMVRSLLPERPRDSH
KGTYGKVLIIAGSRLYSGAPVLSGMGSLKVGTGLVKLAVPFPQNLIATSRFPELISVPIDTEKGFFSLQNLQECLELSKD
VDVVAIGPGLGNNEHVREFVNEFLKTLEKPAVIDADAINVLDTSVLKERKSPAVLTPHPGEMARLVKKTVGDVKYNYELA
EEFAKENDCVLVLKSATTIVTDGEKTLFNITGNTGLSKGGSGDVLTGMIAGFIAQGLSPLEASTVSVYLHGFAAELFEQD
ERGLTASELLRLIPEAIRRLKE
;
A
2 'polypeptide(L)' AWLFEA B
#
# COMPACT_ATOMS: atom_id res chain seq x y z
N MET A 13 4.32 7.52 16.01
CA MET A 13 5.38 8.57 16.03
C MET A 13 5.16 9.62 17.11
N LYS A 14 3.94 9.71 17.63
CA LYS A 14 3.70 10.58 18.75
C LYS A 14 4.52 9.99 19.87
N GLU A 15 4.50 8.67 19.94
CA GLU A 15 5.26 7.92 20.91
C GLU A 15 6.73 8.15 20.69
N ILE A 16 7.13 8.13 19.43
CA ILE A 16 8.53 8.23 19.07
C ILE A 16 9.17 9.55 19.45
N ASP A 17 8.47 10.63 19.20
CA ASP A 17 8.97 11.96 19.57
C ASP A 17 9.10 12.04 21.10
N GLU A 18 8.07 11.55 21.84
CA GLU A 18 8.06 11.65 23.29
C GLU A 18 9.21 10.86 23.93
N LEU A 19 9.46 9.63 23.48
CA LEU A 19 10.55 8.87 24.04
C LEU A 19 11.87 9.51 23.69
N THR A 20 11.97 10.08 22.50
CA THR A 20 13.24 10.68 22.07
C THR A 20 13.59 11.90 22.97
N ILE A 21 12.57 12.66 23.32
CA ILE A 21 12.77 13.78 24.27
C ILE A 21 12.93 13.30 25.73
N LYS A 22 11.98 12.51 26.20
CA LYS A 22 11.89 12.16 27.60
C LYS A 22 12.88 11.09 28.04
N GLU A 23 13.12 10.08 27.23
CA GLU A 23 14.04 9.00 27.62
CA GLU A 23 14.04 9.00 27.60
C GLU A 23 15.46 9.23 27.09
N TYR A 24 15.57 9.68 25.86
CA TYR A 24 16.86 9.89 25.24
C TYR A 24 17.44 11.28 25.52
N GLY A 25 16.61 12.26 25.81
CA GLY A 25 17.07 13.55 26.32
C GLY A 25 17.35 14.57 25.23
N VAL A 26 16.83 14.32 24.03
CA VAL A 26 16.95 15.28 22.95
C VAL A 26 15.96 16.43 23.21
N ASP A 27 16.44 17.66 23.27
CA ASP A 27 15.57 18.82 23.47
C ASP A 27 14.55 18.89 22.36
N SER A 28 13.27 19.11 22.73
CA SER A 28 12.19 19.26 21.75
C SER A 28 12.50 20.31 20.69
N ARG A 29 13.21 21.35 21.08
CA ARG A 29 13.62 22.41 20.16
C ARG A 29 14.58 21.91 19.07
N ILE A 30 15.49 21.04 19.43
CA ILE A 30 16.38 20.41 18.45
C ILE A 30 15.59 19.62 17.40
N LEU A 31 14.61 18.79 17.81
CA LEU A 31 13.80 18.06 16.87
C LEU A 31 13.03 18.98 15.94
N MET A 32 12.50 20.08 16.48
CA MET A 32 11.74 21.02 15.66
C MET A 32 12.66 21.75 14.66
N GLU A 33 13.83 22.17 15.08
CA GLU A 33 14.80 22.76 14.16
C GLU A 33 15.16 21.81 13.04
N ARG A 34 15.45 20.54 13.36
CA ARG A 34 15.79 19.55 12.35
C ARG A 34 14.63 19.34 11.40
N ALA A 35 13.41 19.32 11.92
CA ALA A 35 12.20 19.19 11.06
C ALA A 35 12.14 20.32 10.06
N GLY A 36 12.23 21.54 10.54
CA GLY A 36 12.17 22.67 9.61
C GLY A 36 13.29 22.75 8.57
N ILE A 37 14.53 22.53 8.99
CA ILE A 37 15.62 22.57 8.00
C ILE A 37 15.48 21.48 6.98
N SER A 38 14.90 20.36 7.38
CA SER A 38 14.70 19.26 6.42
C SER A 38 13.68 19.66 5.28
N VAL A 39 12.67 20.43 5.64
CA VAL A 39 11.69 20.97 4.67
C VAL A 39 12.42 21.92 3.70
N VAL A 40 13.31 22.77 4.21
CA VAL A 40 14.06 23.69 3.36
C VAL A 40 14.88 22.90 2.38
N LEU A 41 15.62 21.90 2.86
CA LEU A 41 16.52 21.13 1.96
C LEU A 41 15.73 20.34 0.91
N ALA A 42 14.58 19.83 1.33
CA ALA A 42 13.67 19.08 0.48
C ALA A 42 13.16 19.99 -0.66
N MET A 43 12.81 21.22 -0.30
CA MET A 43 12.37 22.17 -1.28
C MET A 43 13.43 22.51 -2.28
N GLU A 44 14.65 22.68 -1.79
CA GLU A 44 15.76 22.99 -2.69
C GLU A 44 16.02 21.85 -3.68
N GLU A 45 15.88 20.63 -3.21
CA GLU A 45 16.06 19.44 -4.03
C GLU A 45 15.02 19.36 -5.17
N GLU A 46 13.81 19.86 -4.93
CA GLU A 46 12.73 19.86 -5.91
C GLU A 46 12.62 21.15 -6.70
N LEU A 47 12.93 22.30 -6.13
CA LEU A 47 12.82 23.54 -6.84
C LEU A 47 14.16 24.07 -7.37
N GLY A 48 15.28 23.48 -7.00
CA GLY A 48 16.59 24.06 -7.29
C GLY A 48 16.82 25.23 -6.35
N ASN A 49 17.59 26.19 -6.81
CA ASN A 49 17.90 27.39 -6.05
C ASN A 49 16.64 28.13 -5.60
N LEU A 50 16.54 28.36 -4.29
CA LEU A 50 15.38 28.97 -3.68
C LEU A 50 15.40 30.51 -3.75
N SER A 51 16.53 31.10 -4.12
CA SER A 51 16.67 32.54 -3.96
C SER A 51 15.68 33.38 -4.83
N ASP A 52 15.20 32.84 -5.94
CA ASP A 52 14.25 33.53 -6.80
C ASP A 52 12.78 33.37 -6.40
N TYR A 53 12.44 32.62 -5.37
CA TYR A 53 11.03 32.39 -5.07
C TYR A 53 10.55 33.20 -3.83
N ARG A 54 9.24 33.44 -3.79
CA ARG A 54 8.61 34.19 -2.74
C ARG A 54 7.74 33.16 -2.02
N PHE A 55 7.93 33.04 -0.71
CA PHE A 55 7.27 32.02 0.10
C PHE A 55 6.21 32.55 1.07
N LEU A 56 5.04 31.94 1.01
CA LEU A 56 3.94 32.15 1.94
C LEU A 56 3.82 30.96 2.85
N VAL A 57 4.13 31.20 4.13
CA VAL A 57 4.11 30.12 5.10
C VAL A 57 2.87 30.25 5.99
N LEU A 58 2.03 29.23 5.93
CA LEU A 58 0.79 29.20 6.68
C LEU A 58 1.02 28.36 7.94
N CYS A 59 1.01 29.01 9.13
CA CYS A 59 1.32 28.36 10.39
C CYS A 59 0.11 28.27 11.31
N GLY A 60 -0.17 27.07 11.80
CA GLY A 60 -1.10 26.86 12.89
C GLY A 60 -0.37 27.10 14.22
N GLY A 61 -1.14 26.93 15.27
CA GLY A 61 -0.65 27.13 16.62
C GLY A 61 0.02 25.94 17.29
N GLY A 62 0.01 24.79 16.63
CA GLY A 62 0.58 23.58 17.15
C GLY A 62 2.03 23.43 16.75
N ASN A 63 2.56 22.24 16.95
CA ASN A 63 3.93 21.98 16.57
C ASN A 63 4.15 21.93 15.08
N ASN A 64 3.12 21.61 14.28
CA ASN A 64 3.26 21.71 12.82
C ASN A 64 3.53 23.17 12.44
N GLY A 65 2.78 24.07 13.06
CA GLY A 65 3.03 25.49 12.87
C GLY A 65 4.42 25.93 13.34
N GLY A 66 4.85 25.41 14.48
CA GLY A 66 6.23 25.61 14.96
C GLY A 66 7.30 25.24 13.94
N ASP A 67 7.12 24.07 13.33
CA ASP A 67 7.97 23.59 12.21
C ASP A 67 7.93 24.64 11.07
N GLY A 68 6.74 25.14 10.75
CA GLY A 68 6.59 26.22 9.77
C GLY A 68 7.38 27.48 10.10
N PHE A 69 7.34 27.91 11.37
CA PHE A 69 8.17 29.07 11.77
C PHE A 69 9.66 28.80 11.59
N VAL A 70 10.10 27.56 11.81
CA VAL A 70 11.49 27.22 11.57
C VAL A 70 11.79 27.33 10.08
N VAL A 71 10.86 26.83 9.25
CA VAL A 71 11.07 26.93 7.80
C VAL A 71 11.24 28.42 7.43
N ALA A 72 10.29 29.24 7.89
CA ALA A 72 10.23 30.64 7.54
C ALA A 72 11.47 31.40 7.98
N ARG A 73 11.91 31.14 9.19
CA ARG A 73 13.07 31.79 9.70
C ARG A 73 14.31 31.46 8.88
N ASN A 74 14.46 30.20 8.50
CA ASN A 74 15.59 29.72 7.72
C ASN A 74 15.61 30.23 6.27
N LEU A 75 14.48 30.76 5.79
CA LEU A 75 14.44 31.37 4.48
C LEU A 75 14.78 32.85 4.48
N LEU A 76 14.71 33.49 5.65
CA LEU A 76 14.94 34.93 5.77
C LEU A 76 16.33 35.31 5.28
N GLY A 77 16.41 36.34 4.45
CA GLY A 77 17.69 36.80 3.92
C GLY A 77 18.24 36.03 2.72
N VAL A 78 17.64 34.89 2.39
CA VAL A 78 18.12 33.96 1.36
C VAL A 78 17.17 33.86 0.14
N VAL A 79 15.87 34.08 0.34
CA VAL A 79 14.91 34.05 -0.75
C VAL A 79 14.37 35.46 -1.09
N LYS A 80 13.56 35.56 -2.12
CA LYS A 80 13.05 36.86 -2.56
C LYS A 80 12.14 37.53 -1.53
N ASP A 81 11.25 36.74 -0.92
CA ASP A 81 10.34 37.22 0.09
C ASP A 81 9.79 36.03 0.89
N VAL A 82 9.50 36.30 2.16
CA VAL A 82 8.87 35.33 3.08
C VAL A 82 7.83 36.08 3.86
N LEU A 83 6.65 35.54 3.95
CA LEU A 83 5.63 36.03 4.85
C LEU A 83 5.00 34.83 5.56
N VAL A 84 4.76 34.96 6.86
CA VAL A 84 3.98 33.97 7.59
C VAL A 84 2.57 34.51 7.87
N VAL A 85 1.56 33.71 7.62
CA VAL A 85 0.22 34.03 8.10
C VAL A 85 0.02 33.09 9.26
N PHE A 86 -0.14 33.63 10.46
CA PHE A 86 -0.40 32.81 11.64
C PHE A 86 -1.92 32.69 11.85
N LEU A 87 -2.40 31.45 11.85
CA LEU A 87 -3.80 31.05 11.91
C LEU A 87 -3.92 30.15 13.18
N GLY A 88 -3.99 30.74 14.32
CA GLY A 88 -4.11 29.96 15.52
C GLY A 88 -4.61 30.95 16.53
N LYS A 89 -5.03 30.44 17.68
CA LYS A 89 -5.39 31.32 18.78
C LYS A 89 -4.50 31.19 19.98
N LYS A 90 -3.58 30.25 19.94
CA LYS A 90 -2.62 30.03 21.00
C LYS A 90 -1.54 29.16 20.38
N LYS A 91 -0.41 29.07 21.08
CA LYS A 91 0.77 28.45 20.53
C LYS A 91 1.31 27.47 21.54
N THR A 92 1.68 26.30 21.08
CA THR A 92 2.41 25.34 21.90
C THR A 92 3.76 26.04 22.27
N PRO A 93 4.43 25.54 23.31
CA PRO A 93 5.69 26.19 23.74
C PRO A 93 6.74 26.24 22.61
N ASP A 94 6.92 25.14 21.90
CA ASP A 94 7.89 25.12 20.80
C ASP A 94 7.47 26.02 19.65
N CYS A 95 6.16 26.07 19.38
CA CYS A 95 5.67 26.99 18.37
C CYS A 95 5.93 28.47 18.80
N GLU A 96 5.67 28.78 20.09
CA GLU A 96 5.89 30.10 20.63
C GLU A 96 7.41 30.46 20.52
N TYR A 97 8.27 29.53 20.88
CA TYR A 97 9.70 29.73 20.79
C TYR A 97 10.14 30.10 19.37
N ASN A 98 9.70 29.30 18.40
CA ASN A 98 10.07 29.53 17.02
C ASN A 98 9.40 30.75 16.34
N TYR A 99 8.20 31.07 16.78
CA TYR A 99 7.57 32.36 16.45
C TYR A 99 8.44 33.54 16.92
N GLY A 100 8.91 33.51 18.16
CA GLY A 100 9.72 34.58 18.71
C GLY A 100 11.01 34.65 17.92
N LEU A 101 11.63 33.51 17.61
CA LEU A 101 12.88 33.58 16.79
C LEU A 101 12.66 34.20 15.41
N TYR A 102 11.60 33.76 14.74
CA TYR A 102 11.20 34.30 13.43
C TYR A 102 11.11 35.81 13.49
N LYS A 103 10.39 36.31 14.49
CA LYS A 103 10.27 37.77 14.64
C LYS A 103 11.59 38.44 15.00
N LYS A 104 12.39 37.85 15.90
CA LYS A 104 13.70 38.43 16.25
C LYS A 104 14.63 38.53 15.00
N PHE A 105 14.53 37.57 14.09
CA PHE A 105 15.33 37.54 12.88
C PHE A 105 14.80 38.56 11.83
N GLY A 106 13.75 39.33 12.15
CA GLY A 106 13.17 40.29 11.20
C GLY A 106 11.98 39.80 10.35
N GLY A 107 11.41 38.64 10.67
CA GLY A 107 10.34 38.08 9.88
C GLY A 107 9.02 38.77 10.12
N LYS A 108 8.24 38.86 9.05
CA LYS A 108 6.90 39.46 9.05
C LYS A 108 5.83 38.39 9.25
N VAL A 109 4.93 38.64 10.20
CA VAL A 109 3.79 37.77 10.48
C VAL A 109 2.53 38.57 10.35
N VAL A 110 1.55 38.05 9.64
CA VAL A 110 0.20 38.66 9.65
C VAL A 110 -0.72 37.61 10.24
N GLU A 111 -1.86 38.05 10.77
CA GLU A 111 -2.82 37.18 11.42
C GLU A 111 -4.16 37.13 10.69
N GLN A 112 -4.21 37.67 9.48
CA GLN A 112 -5.41 37.60 8.67
C GLN A 112 -5.02 37.27 7.24
N PHE A 113 -5.65 36.23 6.71
CA PHE A 113 -5.38 35.72 5.38
C PHE A 113 -6.26 36.52 4.45
N GLU A 114 -5.66 37.41 3.66
CA GLU A 114 -6.44 38.09 2.63
C GLU A 114 -6.30 37.31 1.30
N PRO A 115 -7.42 36.87 0.70
CA PRO A 115 -7.38 35.97 -0.49
C PRO A 115 -6.42 36.41 -1.60
N SER A 116 -6.26 37.71 -1.81
CA SER A 116 -5.38 38.24 -2.86
C SER A 116 -3.89 38.12 -2.53
N ILE A 117 -3.56 37.83 -1.27
CA ILE A 117 -2.16 37.67 -0.85
C ILE A 117 -1.46 36.56 -1.64
N LEU A 118 -2.21 35.52 -1.99
CA LEU A 118 -1.71 34.43 -2.84
C LEU A 118 -1.06 34.92 -4.14
N ASN A 119 -1.61 35.96 -4.76
CA ASN A 119 -1.01 36.57 -5.97
C ASN A 119 0.45 36.97 -5.84
N GLU A 120 0.89 37.36 -4.65
CA GLU A 120 2.25 37.88 -4.50
C GLU A 120 3.29 36.81 -4.16
N PHE A 121 2.91 35.53 -4.17
CA PHE A 121 3.81 34.46 -3.73
C PHE A 121 3.88 33.31 -4.74
N ASP A 122 5.00 32.58 -4.73
CA ASP A 122 5.22 31.48 -5.68
C ASP A 122 4.97 30.11 -5.05
N VAL A 123 5.38 29.98 -3.80
CA VAL A 123 5.31 28.75 -3.05
C VAL A 123 4.54 29.01 -1.76
N VAL A 124 3.57 28.14 -1.50
CA VAL A 124 2.85 28.09 -0.25
C VAL A 124 3.36 26.91 0.59
N VAL A 125 3.81 27.21 1.84
CA VAL A 125 4.24 26.19 2.75
C VAL A 125 3.10 25.96 3.70
N ASP A 126 2.56 24.76 3.65
CA ASP A 126 1.37 24.37 4.47
C ASP A 126 1.83 23.78 5.80
N ALA A 127 1.83 24.62 6.84
CA ALA A 127 2.16 24.20 8.21
C ALA A 127 0.99 24.49 9.14
N ILE A 128 -0.22 24.29 8.64
CA ILE A 128 -1.41 24.56 9.45
C ILE A 128 -1.70 23.45 10.48
N PHE A 129 -1.99 22.25 10.00
CA PHE A 129 -2.19 21.06 10.86
C PHE A 129 -1.31 19.89 10.46
N GLY A 130 -0.86 19.14 11.44
CA GLY A 130 -0.14 17.88 11.16
C GLY A 130 -0.96 16.70 11.65
N THR A 131 -0.30 15.84 12.41
CA THR A 131 -0.89 14.61 12.91
C THR A 131 -1.77 14.91 14.13
N GLY A 132 -1.76 16.16 14.62
CA GLY A 132 -2.60 16.58 15.72
C GLY A 132 -4.05 16.91 15.34
N LEU A 133 -4.38 16.91 14.04
CA LEU A 133 -5.72 17.29 13.63
C LEU A 133 -6.68 16.25 14.11
N ARG A 134 -7.77 16.69 14.72
CA ARG A 134 -8.86 15.82 15.08
C ARG A 134 -10.16 16.50 14.61
N GLY A 135 -10.96 15.79 13.88
CA GLY A 135 -12.24 16.29 13.56
C GLY A 135 -12.20 17.13 12.32
N GLU A 136 -13.40 17.27 11.76
CA GLU A 136 -13.64 17.99 10.55
C GLU A 136 -13.11 19.42 10.68
N ILE A 137 -12.47 19.91 9.61
CA ILE A 137 -12.07 21.31 9.48
C ILE A 137 -13.27 22.19 9.03
N THR A 138 -13.53 23.24 9.78
N THR A 138 -13.58 23.25 9.74
CA THR A 138 -14.65 24.15 9.49
CA THR A 138 -14.74 24.08 9.31
C THR A 138 -14.13 25.53 9.22
C THR A 138 -14.54 25.52 9.74
N GLY A 139 -15.07 26.44 8.94
CA GLY A 139 -14.88 27.84 9.20
C GLY A 139 -13.81 28.38 8.32
N GLU A 140 -12.98 29.23 8.90
CA GLU A 140 -12.04 29.97 8.11
C GLU A 140 -10.85 29.11 7.75
N TYR A 141 -10.60 28.03 8.48
CA TYR A 141 -9.49 27.11 8.09
C TYR A 141 -9.85 26.48 6.76
N ALA A 142 -11.10 26.02 6.66
CA ALA A 142 -11.59 25.41 5.43
C ALA A 142 -11.54 26.38 4.24
N GLU A 143 -11.95 27.63 4.44
CA GLU A 143 -11.97 28.64 3.35
C GLU A 143 -10.54 28.87 2.86
N ILE A 144 -9.61 28.97 3.80
CA ILE A 144 -8.22 29.13 3.45
C ILE A 144 -7.66 27.95 2.63
N ILE A 145 -7.89 26.73 3.10
CA ILE A 145 -7.39 25.56 2.43
C ILE A 145 -7.97 25.50 1.01
N ASN A 146 -9.25 25.83 0.86
CA ASN A 146 -9.86 25.79 -0.45
C ASN A 146 -9.26 26.84 -1.42
N LEU A 147 -8.94 28.02 -0.88
CA LEU A 147 -8.29 29.08 -1.64
C LEU A 147 -6.90 28.66 -2.09
N VAL A 148 -6.12 28.03 -1.20
CA VAL A 148 -4.80 27.51 -1.58
C VAL A 148 -4.92 26.47 -2.74
N ASN A 149 -5.88 25.56 -2.62
CA ASN A 149 -6.10 24.57 -3.64
C ASN A 149 -6.57 25.17 -4.98
N LYS A 150 -7.21 26.33 -4.99
CA LYS A 150 -7.63 26.95 -6.28
C LYS A 150 -6.56 27.88 -6.85
N SER A 151 -5.46 28.08 -6.14
CA SER A 151 -4.49 29.13 -6.47
C SER A 151 -3.50 28.79 -7.55
N GLY A 152 -3.28 27.52 -7.82
CA GLY A 152 -2.25 27.12 -8.78
C GLY A 152 -0.81 27.34 -8.34
N LYS A 153 -0.59 27.66 -7.07
CA LYS A 153 0.78 27.83 -6.58
C LYS A 153 1.37 26.45 -6.28
N VAL A 154 2.68 26.39 -6.17
CA VAL A 154 3.39 25.21 -5.70
C VAL A 154 3.12 25.07 -4.21
N VAL A 155 2.68 23.89 -3.76
CA VAL A 155 2.36 23.70 -2.36
C VAL A 155 3.26 22.62 -1.74
N VAL A 156 3.88 22.99 -0.63
CA VAL A 156 4.72 22.09 0.14
C VAL A 156 4.08 21.91 1.50
N SER A 157 3.73 20.68 1.85
CA SER A 157 3.11 20.39 3.13
C SER A 157 4.10 19.87 4.14
N VAL A 158 4.02 20.46 5.32
CA VAL A 158 4.83 20.05 6.46
C VAL A 158 4.13 18.91 7.20
N ASP A 159 4.83 17.76 7.23
CA ASP A 159 4.43 16.51 7.87
C ASP A 159 3.31 15.73 7.14
N VAL A 160 2.12 16.32 7.04
CA VAL A 160 1.03 15.77 6.30
C VAL A 160 0.26 16.93 5.70
N PRO A 161 -0.33 16.77 4.51
CA PRO A 161 -1.19 17.85 4.06
C PRO A 161 -2.31 18.14 5.06
N SER A 162 -2.52 19.40 5.41
CA SER A 162 -3.50 19.75 6.44
C SER A 162 -4.90 19.31 6.01
N GLY A 163 -5.60 18.61 6.92
CA GLY A 163 -6.88 18.06 6.62
C GLY A 163 -6.89 16.56 6.37
N ILE A 164 -5.73 15.93 6.23
CA ILE A 164 -5.69 14.48 6.11
C ILE A 164 -5.58 13.90 7.50
N ASP A 165 -6.38 12.88 7.80
CA ASP A 165 -6.26 12.12 9.06
C ASP A 165 -5.07 11.20 8.91
N SER A 166 -4.03 11.46 9.70
CA SER A 166 -2.80 10.75 9.51
C SER A 166 -2.89 9.24 9.85
N ASN A 167 -3.91 8.81 10.57
CA ASN A 167 -4.15 7.38 10.89
C ASN A 167 -4.91 6.63 9.82
N THR A 168 -5.63 7.35 9.00
CA THR A 168 -6.50 6.66 8.05
C THR A 168 -6.32 7.09 6.58
N GLY A 169 -5.81 8.30 6.34
CA GLY A 169 -5.77 8.89 5.01
C GLY A 169 -7.06 9.53 4.51
N LYS A 170 -8.10 9.55 5.33
CA LYS A 170 -9.36 10.23 4.99
C LYS A 170 -9.22 11.75 5.04
N VAL A 171 -10.02 12.44 4.24
CA VAL A 171 -10.06 13.90 4.23
C VAL A 171 -11.06 14.36 5.33
N LEU A 172 -10.61 15.26 6.20
CA LEU A 172 -11.44 15.77 7.29
C LEU A 172 -12.17 17.06 6.84
N ARG A 173 -13.22 16.82 6.04
CA ARG A 173 -14.01 17.83 5.32
C ARG A 173 -13.29 18.47 4.13
N THR A 174 -12.08 18.99 4.33
CA THR A 174 -11.28 19.41 3.17
C THR A 174 -9.82 19.28 3.56
N ALA A 175 -8.95 19.28 2.56
CA ALA A 175 -7.55 19.10 2.79
C ALA A 175 -6.74 19.74 1.71
N VAL A 176 -5.52 20.07 2.06
CA VAL A 176 -4.57 20.62 1.12
C VAL A 176 -4.13 19.58 0.11
N LYS A 177 -4.10 19.97 -1.17
CA LYS A 177 -3.45 19.16 -2.21
C LYS A 177 -2.00 19.63 -2.37
N ALA A 178 -1.05 18.84 -1.91
CA ALA A 178 0.38 19.21 -1.92
C ALA A 178 1.11 18.72 -3.17
N ASP A 179 2.06 19.50 -3.65
CA ASP A 179 3.01 19.01 -4.68
C ASP A 179 4.10 18.17 -4.07
N LEU A 180 4.47 18.51 -2.83
CA LEU A 180 5.58 17.90 -2.09
C LEU A 180 5.19 17.90 -0.61
N THR A 181 5.30 16.75 0.03
CA THR A 181 5.06 16.61 1.46
C THR A 181 6.37 16.13 2.09
N VAL A 182 6.78 16.77 3.19
CA VAL A 182 8.01 16.37 3.88
C VAL A 182 7.58 15.88 5.25
N THR A 183 7.72 14.59 5.52
CA THR A 183 7.35 14.05 6.84
C THR A 183 8.58 13.59 7.59
N PHE A 184 8.39 13.30 8.87
CA PHE A 184 9.53 13.16 9.81
C PHE A 184 9.59 11.77 10.42
N GLY A 185 10.76 11.14 10.29
CA GLY A 185 11.00 9.85 10.90
C GLY A 185 10.55 8.69 10.04
N VAL A 186 9.23 8.59 9.83
CA VAL A 186 8.61 7.50 9.09
C VAL A 186 7.39 8.11 8.35
N PRO A 187 6.98 7.48 7.25
CA PRO A 187 5.71 7.81 6.64
C PRO A 187 4.57 7.45 7.58
N LYS A 188 3.49 8.18 7.45
CA LYS A 188 2.28 7.97 8.23
C LYS A 188 1.29 7.21 7.38
N ILE A 189 0.40 6.46 8.03
CA ILE A 189 -0.64 5.73 7.26
C ILE A 189 -1.38 6.59 6.27
N GLY A 190 -1.59 7.85 6.65
CA GLY A 190 -2.29 8.82 5.80
C GLY A 190 -1.61 9.26 4.51
N HIS A 191 -0.30 9.00 4.42
CA HIS A 191 0.47 9.23 3.21
C HIS A 191 0.29 8.06 2.23
N ILE A 192 -0.15 6.90 2.75
CA ILE A 192 -0.07 5.62 2.07
C ILE A 192 -1.43 5.13 1.58
N LEU A 193 -2.49 5.41 2.35
CA LEU A 193 -3.83 5.11 1.98
C LEU A 193 -4.48 6.27 1.27
N PHE A 194 -5.39 6.00 0.36
CA PHE A 194 -6.11 7.09 -0.32
C PHE A 194 -7.34 7.50 0.50
N PRO A 195 -7.81 8.75 0.35
CA PRO A 195 -7.34 9.78 -0.58
C PRO A 195 -6.05 10.48 -0.21
N GLY A 196 -5.61 10.29 1.03
CA GLY A 196 -4.41 10.91 1.49
C GLY A 196 -3.20 10.74 0.60
N ARG A 197 -3.05 9.56 0.02
CA ARG A 197 -1.92 9.29 -0.82
C ARG A 197 -1.90 10.22 -2.03
N ASP A 198 -3.06 10.51 -2.58
CA ASP A 198 -3.18 11.44 -3.72
C ASP A 198 -2.84 12.89 -3.32
N LEU A 199 -3.26 13.29 -2.14
CA LEU A 199 -3.09 14.67 -1.72
C LEU A 199 -1.67 15.01 -1.26
N THR A 200 -0.88 13.95 -1.00
CA THR A 200 0.47 14.07 -0.50
C THR A 200 1.45 14.54 -1.56
N GLY A 201 1.16 14.19 -2.82
CA GLY A 201 2.09 14.47 -3.89
C GLY A 201 3.36 13.67 -3.67
N LYS A 202 4.51 14.21 -4.05
CA LYS A 202 5.76 13.54 -3.83
C LYS A 202 6.10 13.54 -2.34
N LEU A 203 6.42 12.36 -1.77
CA LEU A 203 6.75 12.29 -0.34
C LEU A 203 8.24 12.09 -0.08
N LYS A 204 8.79 12.88 0.82
CA LYS A 204 10.14 12.67 1.33
C LYS A 204 10.03 12.45 2.83
N VAL A 205 10.71 11.42 3.30
CA VAL A 205 10.73 11.12 4.73
C VAL A 205 12.11 11.51 5.28
N ALA A 206 12.11 12.49 6.17
CA ALA A 206 13.33 13.13 6.63
C ALA A 206 13.76 12.51 7.97
N ASN A 207 15.06 12.33 8.14
CA ASN A 207 15.62 11.88 9.39
C ASN A 207 15.86 13.15 10.22
N ILE A 208 15.16 13.25 11.35
CA ILE A 208 15.28 14.46 12.20
C ILE A 208 15.94 14.17 13.55
N GLY A 209 16.46 12.97 13.71
CA GLY A 209 17.38 12.63 14.80
C GLY A 209 16.80 11.65 15.80
N HIS A 210 15.63 11.06 15.52
CA HIS A 210 15.16 9.95 16.36
C HIS A 210 16.16 8.80 16.34
N PRO A 211 16.32 8.07 17.46
CA PRO A 211 17.20 6.91 17.45
C PRO A 211 16.71 5.85 16.47
N VAL A 212 17.64 5.30 15.71
CA VAL A 212 17.30 4.34 14.63
C VAL A 212 16.52 3.16 15.21
N HIS A 213 16.85 2.74 16.44
CA HIS A 213 16.10 1.67 17.16
C HIS A 213 14.61 1.95 17.34
N LEU A 214 14.25 3.18 17.66
CA LEU A 214 12.84 3.50 17.80
C LEU A 214 12.12 3.54 16.44
N ILE A 215 12.78 4.05 15.40
CA ILE A 215 12.22 4.12 14.05
C ILE A 215 11.96 2.70 13.55
N ASN A 216 12.84 1.79 13.93
CA ASN A 216 12.74 0.38 13.51
C ASN A 216 11.83 -0.46 14.39
N SER A 217 11.34 0.08 15.51
CA SER A 217 10.39 -0.65 16.32
C SER A 217 8.94 -0.56 15.77
N ILE A 218 8.75 0.01 14.57
CA ILE A 218 7.39 0.15 14.04
C ILE A 218 6.97 -1.22 13.48
N ASN A 219 5.70 -1.60 13.61
N ASN A 219 5.69 -1.55 13.62
CA ASN A 219 5.24 -2.96 13.22
CA ASN A 219 5.11 -2.86 13.30
C ASN A 219 4.46 -3.00 11.88
C ASN A 219 4.43 -2.98 11.92
N ARG A 220 4.28 -1.84 11.28
CA ARG A 220 3.66 -1.74 10.00
C ARG A 220 4.77 -1.21 9.09
N TYR A 221 4.74 -1.59 7.83
CA TYR A 221 5.87 -1.31 6.91
C TYR A 221 5.33 -0.94 5.54
N VAL A 222 6.06 -0.11 4.79
CA VAL A 222 5.86 0.03 3.34
C VAL A 222 6.74 -1.01 2.66
N ILE A 223 6.20 -1.71 1.66
CA ILE A 223 6.98 -2.75 0.96
C ILE A 223 7.94 -2.00 -0.01
N THR A 224 9.24 -2.19 0.21
CA THR A 224 10.23 -1.52 -0.60
C THR A 224 10.97 -2.49 -1.49
N ARG A 225 11.63 -1.92 -2.50
CA ARG A 225 12.41 -2.68 -3.43
C ARG A 225 13.47 -3.49 -2.67
N GLU A 226 14.09 -2.92 -1.63
CA GLU A 226 15.18 -3.61 -0.94
C GLU A 226 14.63 -4.79 -0.14
N MET A 227 13.45 -4.61 0.45
CA MET A 227 12.82 -5.72 1.13
C MET A 227 12.52 -6.90 0.19
N VAL A 228 11.95 -6.59 -0.96
CA VAL A 228 11.60 -7.62 -1.95
C VAL A 228 12.83 -8.29 -2.52
N ARG A 229 13.89 -7.52 -2.80
CA ARG A 229 15.13 -8.11 -3.26
C ARG A 229 15.68 -9.07 -2.23
N SER A 230 15.63 -8.75 -0.95
CA SER A 230 16.18 -9.67 0.02
C SER A 230 15.30 -10.92 0.21
N LEU A 231 14.02 -10.88 -0.14
CA LEU A 231 13.16 -12.03 -0.01
C LEU A 231 13.10 -12.94 -1.25
N LEU A 232 13.50 -12.44 -2.41
CA LEU A 232 13.45 -13.25 -3.63
C LEU A 232 14.21 -14.57 -3.44
N PRO A 233 13.61 -15.70 -3.75
CA PRO A 233 14.41 -16.91 -3.48
C PRO A 233 15.63 -17.11 -4.38
N GLU A 234 16.55 -17.91 -3.88
CA GLU A 234 17.78 -18.29 -4.56
C GLU A 234 17.54 -19.25 -5.72
N ARG A 235 18.37 -19.18 -6.76
CA ARG A 235 18.25 -20.14 -7.84
C ARG A 235 19.54 -20.96 -7.91
N PRO A 236 19.63 -22.02 -7.11
CA PRO A 236 20.85 -22.84 -7.13
C PRO A 236 21.02 -23.43 -8.52
N ARG A 237 22.23 -23.41 -9.04
CA ARG A 237 22.48 -23.86 -10.39
C ARG A 237 22.17 -25.32 -10.61
N ASP A 238 22.49 -26.15 -9.63
CA ASP A 238 22.27 -27.56 -9.79
C ASP A 238 20.82 -27.92 -9.39
N SER A 239 19.84 -27.36 -10.04
CA SER A 239 18.46 -27.54 -9.64
C SER A 239 17.72 -28.38 -10.70
N HIS A 240 16.46 -28.69 -10.41
CA HIS A 240 15.57 -29.29 -11.38
C HIS A 240 14.18 -28.73 -11.06
N LYS A 241 13.18 -29.07 -11.85
CA LYS A 241 11.91 -28.40 -11.65
C LYS A 241 11.35 -28.49 -10.23
N GLY A 242 11.46 -29.67 -9.62
CA GLY A 242 11.00 -29.86 -8.27
C GLY A 242 11.66 -28.98 -7.24
N THR A 243 12.91 -28.59 -7.47
CA THR A 243 13.56 -27.59 -6.62
C THR A 243 12.70 -26.34 -6.44
N TYR A 244 12.00 -25.95 -7.50
CA TYR A 244 11.24 -24.72 -7.57
C TYR A 244 9.74 -24.87 -7.31
N GLY A 245 9.37 -26.02 -6.76
CA GLY A 245 7.98 -26.24 -6.36
C GLY A 245 7.00 -26.62 -7.46
N LYS A 246 5.87 -27.12 -6.97
CA LYS A 246 4.79 -27.58 -7.75
C LYS A 246 3.49 -26.99 -7.21
N VAL A 247 2.69 -26.46 -8.13
CA VAL A 247 1.43 -25.80 -7.82
C VAL A 247 0.28 -26.51 -8.54
N LEU A 248 -0.83 -26.70 -7.83
CA LEU A 248 -2.10 -27.07 -8.43
C LEU A 248 -3.04 -25.86 -8.33
N ILE A 249 -3.64 -25.52 -9.44
CA ILE A 249 -4.64 -24.47 -9.53
C ILE A 249 -5.99 -25.10 -9.87
N ILE A 250 -6.94 -24.99 -8.94
CA ILE A 250 -8.32 -25.43 -9.14
C ILE A 250 -9.16 -24.21 -9.50
N ALA A 251 -9.59 -24.14 -10.75
CA ALA A 251 -10.07 -22.87 -11.30
C ALA A 251 -10.92 -23.08 -12.55
N GLY A 252 -11.82 -22.14 -12.82
CA GLY A 252 -12.50 -22.16 -14.10
C GLY A 252 -13.81 -22.91 -14.06
N SER A 253 -14.54 -22.75 -15.15
CA SER A 253 -15.88 -23.24 -15.27
C SER A 253 -16.29 -23.00 -16.70
N ARG A 254 -17.49 -23.45 -17.07
CA ARG A 254 -17.96 -23.17 -18.42
C ARG A 254 -18.21 -21.64 -18.66
N LEU A 255 -18.46 -20.89 -17.60
CA LEU A 255 -18.63 -19.44 -17.69
C LEU A 255 -17.34 -18.74 -17.83
N TYR A 256 -16.34 -19.20 -17.08
CA TYR A 256 -15.08 -18.45 -16.90
C TYR A 256 -13.89 -19.27 -17.30
N SER A 257 -13.64 -19.40 -18.59
CA SER A 257 -12.60 -20.31 -19.06
C SER A 257 -11.17 -19.71 -19.03
N GLY A 258 -11.04 -18.39 -18.98
CA GLY A 258 -9.72 -17.74 -19.02
C GLY A 258 -8.97 -17.69 -17.73
N ALA A 259 -9.70 -17.61 -16.61
CA ALA A 259 -9.04 -17.44 -15.33
C ALA A 259 -7.90 -18.44 -15.05
N PRO A 260 -8.13 -19.75 -15.29
CA PRO A 260 -7.06 -20.72 -15.00
C PRO A 260 -5.72 -20.45 -15.67
N VAL A 261 -5.80 -20.01 -16.91
CA VAL A 261 -4.68 -19.77 -17.74
C VAL A 261 -3.86 -18.63 -17.14
N LEU A 262 -4.53 -17.56 -16.70
CA LEU A 262 -3.82 -16.41 -16.15
C LEU A 262 -3.17 -16.76 -14.81
N SER A 263 -3.88 -17.48 -13.96
CA SER A 263 -3.29 -17.93 -12.69
C SER A 263 -2.08 -18.84 -12.88
N GLY A 264 -2.22 -19.78 -13.81
CA GLY A 264 -1.16 -20.74 -14.08
C GLY A 264 0.10 -20.07 -14.57
N MET A 265 -0.02 -19.18 -15.56
CA MET A 265 1.14 -18.46 -16.06
C MET A 265 1.69 -17.50 -15.04
N GLY A 266 0.85 -16.98 -14.17
CA GLY A 266 1.37 -16.24 -13.09
C GLY A 266 2.36 -17.06 -12.21
N SER A 267 2.01 -18.25 -11.85
CA SER A 267 3.01 -19.16 -11.19
C SER A 267 4.27 -19.43 -11.99
N LEU A 268 4.16 -19.67 -13.31
CA LEU A 268 5.33 -20.02 -14.08
C LEU A 268 6.24 -18.85 -14.26
N LYS A 269 5.68 -17.66 -14.47
CA LYS A 269 6.51 -16.50 -14.75
C LYS A 269 7.31 -16.04 -13.54
N VAL A 270 6.95 -16.45 -12.32
CA VAL A 270 7.73 -16.11 -11.11
C VAL A 270 8.76 -17.19 -10.76
N GLY A 271 8.84 -18.22 -11.58
CA GLY A 271 9.94 -19.19 -11.45
C GLY A 271 9.53 -20.53 -10.91
N THR A 272 8.22 -20.78 -10.79
CA THR A 272 7.75 -22.07 -10.28
C THR A 272 8.12 -23.22 -11.27
N GLY A 273 8.39 -24.40 -10.72
CA GLY A 273 8.91 -25.48 -11.50
C GLY A 273 7.83 -26.19 -12.31
N LEU A 274 6.74 -26.54 -11.64
CA LEU A 274 5.64 -27.26 -12.28
C LEU A 274 4.30 -26.63 -11.89
N VAL A 275 3.45 -26.39 -12.88
CA VAL A 275 2.11 -25.88 -12.62
C VAL A 275 1.10 -26.75 -13.33
N LYS A 276 0.14 -27.27 -12.56
CA LYS A 276 -0.96 -27.97 -13.15
C LYS A 276 -2.29 -27.33 -12.80
N LEU A 277 -3.22 -27.36 -13.74
CA LEU A 277 -4.54 -26.75 -13.57
C LEU A 277 -5.52 -27.88 -13.57
N ALA A 278 -6.54 -27.80 -12.70
CA ALA A 278 -7.69 -28.64 -12.81
C ALA A 278 -8.87 -27.77 -13.20
N VAL A 279 -9.40 -28.02 -14.39
CA VAL A 279 -10.38 -27.19 -15.05
C VAL A 279 -11.43 -28.08 -15.67
N PRO A 280 -12.72 -27.71 -15.56
CA PRO A 280 -13.78 -28.54 -16.19
C PRO A 280 -13.57 -28.71 -17.69
N PHE A 281 -13.70 -29.95 -18.15
CA PHE A 281 -13.60 -30.24 -19.59
C PHE A 281 -14.77 -29.62 -20.32
N PRO A 282 -14.56 -29.08 -21.54
CA PRO A 282 -13.36 -28.95 -22.37
C PRO A 282 -12.67 -27.60 -22.18
N GLN A 283 -13.07 -26.84 -21.16
CA GLN A 283 -12.46 -25.52 -20.92
C GLN A 283 -10.97 -25.66 -20.58
N ASN A 284 -10.56 -26.84 -20.06
CA ASN A 284 -9.16 -27.10 -19.76
C ASN A 284 -8.26 -26.95 -21.01
N LEU A 285 -8.80 -27.28 -22.19
CA LEU A 285 -8.03 -27.19 -23.46
C LEU A 285 -7.63 -25.78 -23.94
N ILE A 286 -8.36 -24.77 -23.46
CA ILE A 286 -8.07 -23.34 -23.65
C ILE A 286 -6.68 -23.01 -23.17
N ALA A 287 -6.26 -23.57 -22.03
CA ALA A 287 -5.00 -23.22 -21.40
C ALA A 287 -3.79 -23.63 -22.21
N THR A 288 -3.77 -24.89 -22.65
CA THR A 288 -2.63 -25.42 -23.39
C THR A 288 -2.59 -24.91 -24.83
N SER A 289 -3.71 -24.46 -25.41
CA SER A 289 -3.68 -23.85 -26.71
C SER A 289 -2.94 -22.54 -26.63
N ARG A 290 -3.02 -21.85 -25.51
CA ARG A 290 -2.35 -20.55 -25.37
C ARG A 290 -0.89 -20.75 -24.82
N PHE A 291 -0.72 -21.61 -23.83
CA PHE A 291 0.57 -21.85 -23.20
C PHE A 291 0.76 -23.35 -22.98
N PRO A 292 1.35 -24.04 -23.94
CA PRO A 292 1.50 -25.48 -23.88
C PRO A 292 2.44 -25.98 -22.81
N GLU A 293 3.10 -25.06 -22.10
CA GLU A 293 3.96 -25.47 -20.97
C GLU A 293 3.11 -25.78 -19.72
N LEU A 294 1.87 -25.32 -19.70
CA LEU A 294 0.97 -25.68 -18.61
C LEU A 294 0.51 -27.12 -18.76
N ILE A 295 0.25 -27.76 -17.63
CA ILE A 295 -0.49 -29.03 -17.56
C ILE A 295 -1.93 -28.61 -17.23
N SER A 296 -2.91 -28.99 -18.04
CA SER A 296 -4.29 -28.58 -17.80
C SER A 296 -5.16 -29.83 -17.80
N VAL A 297 -5.41 -30.34 -16.60
CA VAL A 297 -6.11 -31.60 -16.41
C VAL A 297 -7.62 -31.42 -16.65
N PRO A 298 -8.24 -32.30 -17.47
CA PRO A 298 -9.66 -32.16 -17.68
C PRO A 298 -10.41 -32.79 -16.49
N ILE A 299 -11.42 -32.10 -15.99
CA ILE A 299 -12.26 -32.60 -14.91
C ILE A 299 -13.65 -32.77 -15.49
N ASP A 300 -14.20 -33.95 -15.31
CA ASP A 300 -15.52 -34.31 -15.81
C ASP A 300 -16.51 -33.75 -14.82
N THR A 301 -17.28 -32.75 -15.23
CA THR A 301 -18.29 -32.15 -14.37
C THR A 301 -19.65 -32.38 -14.97
N GLU A 302 -20.68 -32.29 -14.13
CA GLU A 302 -22.04 -32.47 -14.59
C GLU A 302 -22.57 -31.35 -15.49
N LYS A 303 -22.36 -30.09 -15.10
CA LYS A 303 -22.89 -28.93 -15.83
C LYS A 303 -21.87 -27.81 -16.05
N GLY A 304 -20.59 -28.12 -15.94
CA GLY A 304 -19.55 -27.11 -16.23
C GLY A 304 -18.96 -26.46 -15.02
N PHE A 305 -19.32 -26.90 -13.80
CA PHE A 305 -18.80 -26.32 -12.57
C PHE A 305 -18.34 -27.46 -11.65
N PHE A 306 -17.25 -27.22 -10.94
CA PHE A 306 -16.86 -28.14 -9.86
C PHE A 306 -18.02 -28.40 -8.88
N SER A 307 -18.10 -29.64 -8.39
CA SER A 307 -19.08 -30.01 -7.36
C SER A 307 -18.45 -31.10 -6.49
N LEU A 308 -19.20 -31.59 -5.52
CA LEU A 308 -18.66 -32.64 -4.64
C LEU A 308 -18.19 -33.89 -5.37
N GLN A 309 -18.78 -34.19 -6.53
CA GLN A 309 -18.34 -35.37 -7.24
C GLN A 309 -16.85 -35.26 -7.69
N ASN A 310 -16.29 -34.05 -7.69
CA ASN A 310 -14.91 -33.86 -8.08
C ASN A 310 -13.98 -33.77 -6.88
N LEU A 311 -14.49 -33.94 -5.67
CA LEU A 311 -13.68 -33.79 -4.47
C LEU A 311 -12.51 -34.76 -4.45
N GLN A 312 -12.77 -36.04 -4.72
CA GLN A 312 -11.73 -37.04 -4.55
C GLN A 312 -10.64 -36.84 -5.57
N GLU A 313 -11.03 -36.53 -6.80
CA GLU A 313 -10.01 -36.32 -7.83
C GLU A 313 -9.09 -35.14 -7.49
N CYS A 314 -9.68 -34.06 -6.97
CA CYS A 314 -8.88 -32.87 -6.67
C CYS A 314 -7.94 -33.14 -5.51
N LEU A 315 -8.41 -33.88 -4.51
CA LEU A 315 -7.50 -34.32 -3.41
C LEU A 315 -6.37 -35.17 -3.94
N GLU A 316 -6.63 -36.09 -4.86
CA GLU A 316 -5.55 -36.88 -5.41
C GLU A 316 -4.54 -36.04 -6.17
N LEU A 317 -5.03 -35.06 -6.94
CA LEU A 317 -4.16 -34.15 -7.70
C LEU A 317 -3.29 -33.31 -6.78
N SER A 318 -3.79 -33.02 -5.57
CA SER A 318 -3.08 -32.24 -4.57
C SER A 318 -1.95 -33.00 -3.86
N LYS A 319 -1.97 -34.31 -3.87
CA LYS A 319 -0.98 -35.07 -3.11
C LYS A 319 0.46 -34.73 -3.54
N ASP A 320 0.70 -34.50 -4.82
CA ASP A 320 2.06 -34.34 -5.34
C ASP A 320 2.46 -32.88 -5.61
N VAL A 321 1.81 -31.92 -4.93
CA VAL A 321 2.14 -30.53 -5.12
C VAL A 321 2.47 -29.94 -3.78
N ASP A 322 3.06 -28.76 -3.81
CA ASP A 322 3.42 -28.07 -2.63
C ASP A 322 2.35 -27.10 -2.14
N VAL A 323 1.57 -26.57 -3.07
CA VAL A 323 0.60 -25.55 -2.77
C VAL A 323 -0.57 -25.68 -3.72
N VAL A 324 -1.74 -25.34 -3.21
CA VAL A 324 -2.94 -25.35 -4.05
C VAL A 324 -3.56 -23.95 -4.09
N ALA A 325 -3.84 -23.43 -5.27
CA ALA A 325 -4.62 -22.20 -5.43
C ALA A 325 -6.02 -22.61 -5.90
N ILE A 326 -7.01 -21.94 -5.39
CA ILE A 326 -8.41 -22.25 -5.69
C ILE A 326 -9.22 -20.96 -5.79
N GLY A 327 -10.14 -20.90 -6.75
CA GLY A 327 -11.16 -19.85 -6.77
C GLY A 327 -11.40 -19.12 -8.06
N PRO A 328 -10.33 -18.74 -8.79
CA PRO A 328 -10.55 -17.89 -10.00
C PRO A 328 -11.46 -18.58 -11.03
N GLY A 329 -12.55 -17.92 -11.39
CA GLY A 329 -13.48 -18.44 -12.39
C GLY A 329 -14.26 -19.69 -12.01
N LEU A 330 -14.34 -20.05 -10.74
CA LEU A 330 -15.10 -21.26 -10.35
C LEU A 330 -16.59 -21.08 -10.52
N GLY A 331 -17.09 -19.84 -10.39
CA GLY A 331 -18.54 -19.66 -10.34
C GLY A 331 -18.97 -19.72 -8.91
N ASN A 332 -20.13 -19.19 -8.66
CA ASN A 332 -20.67 -19.19 -7.34
C ASN A 332 -22.09 -19.73 -7.37
N ASN A 333 -22.27 -20.99 -7.02
CA ASN A 333 -23.55 -21.62 -6.84
C ASN A 333 -23.35 -22.58 -5.67
N GLU A 334 -24.43 -23.22 -5.23
CA GLU A 334 -24.40 -24.08 -4.05
C GLU A 334 -23.47 -25.25 -4.17
N HIS A 335 -23.37 -25.82 -5.36
CA HIS A 335 -22.53 -26.99 -5.57
C HIS A 335 -21.03 -26.63 -5.53
N VAL A 336 -20.66 -25.46 -6.06
CA VAL A 336 -19.31 -24.95 -5.89
C VAL A 336 -19.04 -24.67 -4.40
N ARG A 337 -19.98 -24.04 -3.69
CA ARG A 337 -19.80 -23.78 -2.28
C ARG A 337 -19.50 -25.10 -1.48
N GLU A 338 -20.23 -26.18 -1.77
CA GLU A 338 -20.04 -27.48 -1.08
C GLU A 338 -18.65 -28.04 -1.33
N PHE A 339 -18.28 -28.04 -2.61
CA PHE A 339 -16.95 -28.47 -3.01
C PHE A 339 -15.82 -27.67 -2.36
N VAL A 340 -15.83 -26.36 -2.50
CA VAL A 340 -14.79 -25.52 -1.96
C VAL A 340 -14.53 -25.81 -0.47
N ASN A 341 -15.59 -25.77 0.33
CA ASN A 341 -15.49 -25.90 1.78
C ASN A 341 -15.04 -27.29 2.21
N GLU A 342 -15.60 -28.32 1.58
CA GLU A 342 -15.14 -29.68 1.88
C GLU A 342 -13.69 -29.93 1.43
N PHE A 343 -13.32 -29.44 0.24
CA PHE A 343 -11.94 -29.52 -0.19
C PHE A 343 -10.96 -28.87 0.77
N LEU A 344 -11.19 -27.58 1.09
CA LEU A 344 -10.32 -26.84 2.01
C LEU A 344 -10.22 -27.40 3.43
N LYS A 345 -11.31 -27.96 3.92
CA LYS A 345 -11.31 -28.65 5.20
C LYS A 345 -10.44 -29.90 5.18
N THR A 346 -10.36 -30.58 4.04
CA THR A 346 -9.58 -31.81 3.93
C THR A 346 -8.15 -31.62 3.45
N LEU A 347 -7.90 -30.56 2.70
CA LEU A 347 -6.58 -30.35 2.13
C LEU A 347 -5.48 -30.02 3.16
N GLU A 348 -4.43 -30.84 3.23
CA GLU A 348 -3.35 -30.62 4.18
C GLU A 348 -2.15 -30.08 3.45
N LYS A 349 -2.36 -28.96 2.73
CA LYS A 349 -1.32 -28.27 1.97
C LYS A 349 -1.67 -26.80 2.17
N PRO A 350 -0.67 -25.91 2.05
CA PRO A 350 -1.00 -24.48 1.97
C PRO A 350 -1.96 -24.18 0.83
N ALA A 351 -2.89 -23.23 1.05
CA ALA A 351 -3.90 -22.85 0.03
C ALA A 351 -3.86 -21.35 -0.20
N VAL A 352 -4.00 -20.93 -1.45
CA VAL A 352 -4.22 -19.54 -1.78
C VAL A 352 -5.68 -19.51 -2.27
N ILE A 353 -6.52 -18.68 -1.62
CA ILE A 353 -7.96 -18.68 -1.74
C ILE A 353 -8.37 -17.33 -2.31
N ASP A 354 -8.96 -17.34 -3.49
CA ASP A 354 -9.25 -16.14 -4.26
C ASP A 354 -10.68 -16.20 -4.83
N ALA A 355 -11.18 -15.01 -5.15
CA ALA A 355 -12.32 -14.89 -6.07
C ALA A 355 -13.53 -15.69 -5.59
N ASP A 356 -14.09 -16.52 -6.44
CA ASP A 356 -15.30 -17.30 -6.12
C ASP A 356 -15.12 -18.25 -4.96
N ALA A 357 -13.88 -18.73 -4.68
CA ALA A 357 -13.63 -19.50 -3.47
C ALA A 357 -13.83 -18.65 -2.23
N ILE A 358 -13.45 -17.36 -2.27
CA ILE A 358 -13.76 -16.46 -1.15
C ILE A 358 -15.29 -16.25 -1.01
N ASN A 359 -15.97 -15.95 -2.12
CA ASN A 359 -17.42 -15.75 -2.13
C ASN A 359 -18.22 -16.89 -1.50
N VAL A 360 -17.76 -18.13 -1.59
CA VAL A 360 -18.52 -19.23 -1.03
C VAL A 360 -17.93 -19.75 0.27
N LEU A 361 -16.83 -19.13 0.74
CA LEU A 361 -16.05 -19.69 1.84
C LEU A 361 -16.82 -19.64 3.16
N ASP A 362 -16.76 -20.73 3.91
CA ASP A 362 -17.19 -20.76 5.32
C ASP A 362 -15.92 -20.55 6.14
N THR A 363 -15.82 -19.43 6.84
CA THR A 363 -14.61 -19.09 7.63
C THR A 363 -14.32 -20.06 8.77
N SER A 364 -15.34 -20.81 9.21
CA SER A 364 -15.10 -21.91 10.16
C SER A 364 -14.07 -22.85 9.63
N VAL A 365 -14.05 -23.06 8.32
CA VAL A 365 -13.07 -23.93 7.71
C VAL A 365 -11.63 -23.46 7.92
N LEU A 366 -11.42 -22.14 7.87
CA LEU A 366 -10.10 -21.57 8.11
C LEU A 366 -9.61 -21.83 9.48
N LYS A 367 -10.50 -21.76 10.45
CA LYS A 367 -10.11 -21.99 11.83
C LYS A 367 -9.72 -23.44 12.04
N GLU A 368 -10.35 -24.37 11.34
CA GLU A 368 -10.07 -25.77 11.61
C GLU A 368 -8.95 -26.39 10.77
N ARG A 369 -8.43 -25.66 9.79
CA ARG A 369 -7.33 -26.15 8.98
C ARG A 369 -6.04 -26.11 9.79
N LYS A 370 -5.21 -27.14 9.68
CA LYS A 370 -3.87 -27.10 10.28
C LYS A 370 -2.93 -26.37 9.33
N SER A 371 -3.12 -26.52 8.03
CA SER A 371 -2.23 -25.89 7.05
C SER A 371 -2.54 -24.40 6.88
N PRO A 372 -1.56 -23.63 6.38
CA PRO A 372 -1.74 -22.18 6.23
C PRO A 372 -2.62 -21.80 5.07
N ALA A 373 -3.05 -20.56 5.02
CA ALA A 373 -3.78 -20.06 3.87
C ALA A 373 -3.47 -18.61 3.66
N VAL A 374 -3.58 -18.20 2.41
CA VAL A 374 -3.53 -16.81 2.04
C VAL A 374 -4.86 -16.54 1.36
N LEU A 375 -5.55 -15.49 1.78
CA LEU A 375 -6.77 -15.03 1.09
C LEU A 375 -6.52 -13.73 0.39
N THR A 376 -7.02 -13.57 -0.83
CA THR A 376 -6.72 -12.40 -1.69
C THR A 376 -7.99 -11.66 -2.13
N PRO A 377 -8.80 -11.14 -1.20
CA PRO A 377 -10.04 -10.45 -1.62
C PRO A 377 -9.79 -9.03 -2.11
N HIS A 378 -10.63 -8.56 -3.03
CA HIS A 378 -10.86 -7.12 -3.19
C HIS A 378 -11.89 -6.68 -2.14
N PRO A 379 -12.10 -5.37 -1.95
CA PRO A 379 -13.01 -4.95 -0.87
C PRO A 379 -14.47 -5.47 -1.02
N GLY A 380 -14.94 -5.70 -2.24
CA GLY A 380 -16.27 -6.29 -2.39
C GLY A 380 -16.30 -7.70 -1.82
N GLU A 381 -15.26 -8.45 -2.12
CA GLU A 381 -15.17 -9.81 -1.61
C GLU A 381 -14.94 -9.82 -0.09
N MET A 382 -14.12 -8.91 0.41
CA MET A 382 -13.91 -8.81 1.87
C MET A 382 -15.19 -8.46 2.65
N ALA A 383 -15.92 -7.48 2.12
CA ALA A 383 -17.20 -7.07 2.65
C ALA A 383 -18.17 -8.26 2.80
N ARG A 384 -18.30 -9.05 1.72
CA ARG A 384 -19.12 -10.28 1.77
C ARG A 384 -18.60 -11.29 2.77
N LEU A 385 -17.28 -11.46 2.84
CA LEU A 385 -16.74 -12.39 3.78
C LEU A 385 -17.02 -12.04 5.26
N VAL A 386 -17.03 -10.76 5.64
CA VAL A 386 -17.24 -10.40 7.05
C VAL A 386 -18.61 -9.78 7.25
N LYS A 387 -19.44 -9.83 6.21
CA LYS A 387 -20.80 -9.30 6.32
C LYS A 387 -20.86 -7.84 6.73
N LYS A 388 -20.04 -7.03 6.06
CA LYS A 388 -20.04 -5.59 6.24
C LYS A 388 -20.15 -4.87 4.88
N THR A 389 -20.23 -3.55 4.91
CA THR A 389 -20.31 -2.78 3.71
C THR A 389 -18.89 -2.56 3.18
N VAL A 390 -18.77 -2.30 1.88
CA VAL A 390 -17.50 -1.99 1.28
C VAL A 390 -16.82 -0.82 1.98
N GLY A 391 -17.57 0.24 2.24
CA GLY A 391 -17.04 1.39 3.00
C GLY A 391 -16.48 1.07 4.39
N ASP A 392 -17.01 0.06 5.06
CA ASP A 392 -16.55 -0.33 6.36
C ASP A 392 -15.22 -1.14 6.23
N VAL A 393 -14.92 -1.76 5.12
CA VAL A 393 -13.71 -2.63 5.03
C VAL A 393 -12.59 -2.01 4.18
N LYS A 394 -12.95 -1.09 3.28
CA LYS A 394 -11.96 -0.53 2.41
C LYS A 394 -10.86 0.19 3.20
N TYR A 395 -9.61 -0.19 2.96
CA TYR A 395 -8.45 0.41 3.66
C TYR A 395 -8.52 0.29 5.16
N ASN A 396 -9.35 -0.66 5.67
CA ASN A 396 -9.50 -0.88 7.11
C ASN A 396 -8.46 -1.88 7.59
N TYR A 397 -7.25 -1.39 7.80
CA TYR A 397 -6.12 -2.29 8.08
C TYR A 397 -6.31 -2.94 9.46
N GLU A 398 -6.98 -2.27 10.40
CA GLU A 398 -7.24 -2.91 11.73
C GLU A 398 -8.20 -4.10 11.62
N LEU A 399 -9.24 -3.97 10.80
CA LEU A 399 -10.12 -5.10 10.52
C LEU A 399 -9.38 -6.22 9.88
N ALA A 400 -8.55 -5.89 8.89
CA ALA A 400 -7.78 -6.92 8.21
C ALA A 400 -6.88 -7.68 9.20
N GLU A 401 -6.20 -6.93 10.05
CA GLU A 401 -5.32 -7.54 11.07
C GLU A 401 -6.12 -8.47 11.99
N GLU A 402 -7.29 -8.03 12.44
CA GLU A 402 -8.15 -8.83 13.35
C GLU A 402 -8.59 -10.13 12.64
N PHE A 403 -8.99 -9.99 11.39
CA PHE A 403 -9.44 -11.13 10.60
C PHE A 403 -8.31 -12.14 10.44
N ALA A 404 -7.11 -11.67 10.06
CA ALA A 404 -5.97 -12.57 9.86
C ALA A 404 -5.61 -13.30 11.15
N LYS A 405 -5.56 -12.58 12.27
CA LYS A 405 -5.22 -13.15 13.60
C LYS A 405 -6.32 -14.18 14.01
N GLU A 406 -7.58 -13.83 13.89
CA GLU A 406 -8.67 -14.72 14.29
C GLU A 406 -8.75 -16.00 13.42
N ASN A 407 -8.42 -15.89 12.15
CA ASN A 407 -8.54 -17.02 11.25
C ASN A 407 -7.23 -17.72 10.91
N ASP A 408 -6.15 -17.30 11.57
CA ASP A 408 -4.82 -17.85 11.34
C ASP A 408 -4.40 -17.88 9.87
N CYS A 409 -4.55 -16.77 9.18
CA CYS A 409 -4.25 -16.74 7.76
C CYS A 409 -3.48 -15.47 7.45
N VAL A 410 -2.96 -15.37 6.22
CA VAL A 410 -2.50 -14.10 5.67
C VAL A 410 -3.67 -13.55 4.84
N LEU A 411 -3.98 -12.27 5.05
CA LEU A 411 -4.98 -11.58 4.28
C LEU A 411 -4.31 -10.54 3.40
N VAL A 412 -4.65 -10.57 2.11
CA VAL A 412 -4.11 -9.66 1.12
C VAL A 412 -5.35 -8.93 0.63
N LEU A 413 -5.54 -7.73 1.14
CA LEU A 413 -6.72 -6.90 0.79
C LEU A 413 -6.28 -5.99 -0.33
N LYS A 414 -6.67 -6.37 -1.53
CA LYS A 414 -6.30 -5.65 -2.74
C LYS A 414 -7.01 -4.27 -2.91
N SER A 415 -6.28 -3.25 -3.33
CA SER A 415 -6.79 -1.97 -3.74
C SER A 415 -5.58 -1.21 -4.32
N ALA A 416 -5.73 0.05 -4.71
CA ALA A 416 -4.60 0.79 -5.23
C ALA A 416 -3.40 0.71 -4.27
N THR A 417 -3.68 0.86 -2.98
CA THR A 417 -2.73 0.47 -1.98
C THR A 417 -3.21 -0.86 -1.41
N THR A 418 -2.36 -1.87 -1.47
CA THR A 418 -2.70 -3.21 -1.04
C THR A 418 -2.15 -3.45 0.35
N ILE A 419 -3.04 -3.97 1.21
CA ILE A 419 -2.67 -4.32 2.57
C ILE A 419 -2.40 -5.83 2.69
N VAL A 420 -1.25 -6.20 3.23
CA VAL A 420 -0.90 -7.60 3.48
C VAL A 420 -0.63 -7.71 4.95
N THR A 421 -1.28 -8.67 5.59
CA THR A 421 -1.10 -8.86 7.02
C THR A 421 -1.30 -10.30 7.45
N ASP A 422 -0.55 -10.72 8.47
CA ASP A 422 -0.85 -11.96 9.18
C ASP A 422 -1.44 -11.71 10.59
N GLY A 423 -1.81 -10.46 10.90
CA GLY A 423 -2.32 -10.14 12.23
C GLY A 423 -1.24 -9.64 13.20
N GLU A 424 0.04 -9.80 12.88
CA GLU A 424 1.15 -9.31 13.72
C GLU A 424 1.97 -8.28 12.97
N LYS A 425 2.26 -8.55 11.69
CA LYS A 425 2.99 -7.63 10.85
C LYS A 425 2.01 -7.22 9.76
N THR A 426 2.03 -5.95 9.41
CA THR A 426 1.22 -5.41 8.32
C THR A 426 2.07 -4.61 7.36
N LEU A 427 1.93 -4.90 6.07
CA LEU A 427 2.74 -4.28 5.01
C LEU A 427 1.80 -3.62 3.99
N PHE A 428 2.25 -2.47 3.49
CA PHE A 428 1.46 -1.69 2.55
C PHE A 428 2.24 -1.66 1.25
N ASN A 429 1.55 -1.99 0.16
CA ASN A 429 2.15 -1.94 -1.19
C ASN A 429 1.66 -0.75 -1.98
N ILE A 430 2.60 0.01 -2.54
CA ILE A 430 2.21 1.16 -3.31
C ILE A 430 2.62 1.07 -4.82
N THR A 431 3.09 -0.07 -5.30
CA THR A 431 3.40 -0.20 -6.71
C THR A 431 2.13 -0.46 -7.48
N GLY A 432 2.15 -0.19 -8.77
CA GLY A 432 0.96 -0.47 -9.61
C GLY A 432 0.43 0.79 -10.27
N ASN A 433 -0.59 0.62 -11.08
CA ASN A 433 -1.28 1.72 -11.66
C ASN A 433 -2.67 1.24 -12.06
N THR A 434 -3.45 2.14 -12.69
CA THR A 434 -4.86 1.83 -13.00
C THR A 434 -5.03 0.80 -14.10
N GLY A 435 -3.96 0.37 -14.78
CA GLY A 435 -4.14 -0.70 -15.74
C GLY A 435 -4.51 -2.01 -15.05
N LEU A 436 -4.27 -2.10 -13.74
CA LEU A 436 -4.61 -3.28 -12.96
C LEU A 436 -6.09 -3.28 -12.53
N SER A 437 -6.79 -2.16 -12.75
CA SER A 437 -8.22 -2.11 -12.49
C SER A 437 -8.98 -2.70 -13.69
N LYS A 438 -8.77 -3.98 -13.93
CA LYS A 438 -9.30 -4.61 -15.12
C LYS A 438 -9.33 -6.12 -14.89
N GLY A 439 -10.35 -6.78 -15.41
CA GLY A 439 -10.52 -8.20 -15.19
C GLY A 439 -9.29 -9.00 -15.59
N GLY A 440 -8.93 -9.97 -14.78
CA GLY A 440 -7.77 -10.83 -15.08
C GLY A 440 -6.57 -10.52 -14.20
N SER A 441 -6.48 -9.29 -13.71
CA SER A 441 -5.29 -8.86 -12.95
C SER A 441 -5.15 -9.68 -11.68
N GLY A 442 -6.25 -9.89 -10.97
CA GLY A 442 -6.25 -10.61 -9.72
C GLY A 442 -5.87 -12.08 -9.90
N ASP A 443 -6.34 -12.69 -11.01
CA ASP A 443 -6.03 -14.09 -11.32
C ASP A 443 -4.50 -14.28 -11.46
N VAL A 444 -3.83 -13.32 -12.12
CA VAL A 444 -2.37 -13.36 -12.20
C VAL A 444 -1.74 -13.33 -10.78
N LEU A 445 -2.16 -12.40 -9.92
CA LEU A 445 -1.55 -12.29 -8.63
C LEU A 445 -1.70 -13.60 -7.83
N THR A 446 -2.87 -14.25 -7.92
CA THR A 446 -3.08 -15.53 -7.22
C THR A 446 -2.03 -16.59 -7.59
N GLY A 447 -1.76 -16.70 -8.89
CA GLY A 447 -0.72 -17.61 -9.36
C GLY A 447 0.65 -17.22 -8.84
N MET A 448 0.95 -15.92 -8.84
CA MET A 448 2.23 -15.46 -8.31
C MET A 448 2.45 -15.86 -6.85
N ILE A 449 1.44 -15.63 -6.01
CA ILE A 449 1.55 -15.98 -4.59
C ILE A 449 1.78 -17.46 -4.43
N ALA A 450 0.96 -18.28 -5.11
CA ALA A 450 1.12 -19.75 -4.97
C ALA A 450 2.47 -20.20 -5.40
N GLY A 451 2.96 -19.60 -6.49
CA GLY A 451 4.30 -19.93 -7.02
C GLY A 451 5.41 -19.65 -6.02
N PHE A 452 5.37 -18.48 -5.39
CA PHE A 452 6.38 -18.15 -4.42
C PHE A 452 6.33 -19.03 -3.16
N ILE A 453 5.12 -19.38 -2.72
CA ILE A 453 5.01 -20.35 -1.63
C ILE A 453 5.60 -21.72 -2.03
N ALA A 454 5.28 -22.17 -3.23
CA ALA A 454 5.84 -23.38 -3.74
C ALA A 454 7.39 -23.35 -3.79
N GLN A 455 7.97 -22.16 -4.00
CA GLN A 455 9.43 -22.04 -4.02
C GLN A 455 10.04 -21.96 -2.63
N GLY A 456 9.21 -21.96 -1.58
CA GLY A 456 9.73 -21.99 -0.23
C GLY A 456 9.54 -20.73 0.59
N LEU A 457 8.96 -19.65 0.05
CA LEU A 457 8.67 -18.48 0.88
C LEU A 457 7.45 -18.79 1.77
N SER A 458 7.43 -18.13 2.93
CA SER A 458 6.30 -18.24 3.86
C SER A 458 5.12 -17.57 3.18
N PRO A 459 3.90 -17.94 3.60
CA PRO A 459 2.72 -17.24 3.06
C PRO A 459 2.86 -15.70 3.11
N LEU A 460 3.38 -15.17 4.20
CA LEU A 460 3.48 -13.72 4.30
C LEU A 460 4.54 -13.18 3.33
N GLU A 461 5.68 -13.83 3.27
CA GLU A 461 6.76 -13.43 2.36
C GLU A 461 6.30 -13.50 0.93
N ALA A 462 5.61 -14.57 0.55
CA ALA A 462 5.18 -14.79 -0.81
C ALA A 462 4.19 -13.70 -1.24
N SER A 463 3.32 -13.33 -0.30
CA SER A 463 2.30 -12.30 -0.53
C SER A 463 2.99 -10.93 -0.73
N THR A 464 3.97 -10.64 0.11
CA THR A 464 4.70 -9.39 0.05
C THR A 464 5.41 -9.20 -1.31
N VAL A 465 6.21 -10.19 -1.69
CA VAL A 465 6.97 -10.16 -2.93
C VAL A 465 6.03 -10.06 -4.13
N SER A 466 4.94 -10.83 -4.08
CA SER A 466 4.00 -10.92 -5.19
C SER A 466 3.27 -9.60 -5.44
N VAL A 467 2.72 -8.97 -4.40
CA VAL A 467 1.97 -7.73 -4.61
C VAL A 467 2.87 -6.64 -5.16
N TYR A 468 4.11 -6.62 -4.70
CA TYR A 468 5.08 -5.61 -5.17
C TYR A 468 5.42 -5.81 -6.65
N LEU A 469 5.78 -7.05 -7.01
CA LEU A 469 6.21 -7.41 -8.36
C LEU A 469 5.07 -7.28 -9.33
N HIS A 470 3.85 -7.63 -8.91
CA HIS A 470 2.64 -7.49 -9.74
C HIS A 470 2.40 -6.02 -10.11
N GLY A 471 2.50 -5.14 -9.12
CA GLY A 471 2.37 -3.73 -9.38
C GLY A 471 3.49 -3.13 -10.17
N PHE A 472 4.72 -3.55 -9.88
CA PHE A 472 5.89 -3.04 -10.62
C PHE A 472 5.88 -3.48 -12.11
N ALA A 473 5.49 -4.72 -12.38
CA ALA A 473 5.27 -5.16 -13.75
C ALA A 473 4.29 -4.25 -14.53
N ALA A 474 3.15 -3.90 -13.92
CA ALA A 474 2.20 -2.98 -14.52
C ALA A 474 2.85 -1.67 -14.90
N GLU A 475 3.74 -1.16 -14.07
CA GLU A 475 4.35 0.08 -14.32
C GLU A 475 5.37 0.02 -15.46
N LEU A 476 5.85 -1.17 -15.81
CA LEU A 476 6.81 -1.31 -16.88
C LEU A 476 6.13 -1.39 -18.25
N PHE A 477 4.83 -1.46 -18.30
CA PHE A 477 4.13 -1.43 -19.59
C PHE A 477 4.54 -0.16 -20.38
N GLU A 478 4.85 -0.32 -21.63
CA GLU A 478 5.47 0.71 -22.43
C GLU A 478 4.44 1.74 -23.00
N GLN A 479 3.18 1.38 -23.11
CA GLN A 479 2.19 2.33 -23.67
C GLN A 479 1.26 2.81 -22.56
N ASP A 480 0.13 3.44 -22.91
CA ASP A 480 -0.74 4.01 -21.86
C ASP A 480 -1.29 2.90 -20.97
N GLU A 481 -1.23 3.14 -19.67
CA GLU A 481 -1.61 2.10 -18.70
C GLU A 481 -3.02 1.63 -18.88
N ARG A 482 -3.91 2.47 -19.40
CA ARG A 482 -5.29 1.99 -19.49
C ARG A 482 -5.45 0.83 -20.50
N GLY A 483 -4.44 0.64 -21.37
CA GLY A 483 -4.45 -0.41 -22.37
C GLY A 483 -3.81 -1.69 -21.85
N LEU A 484 -3.30 -1.70 -20.62
CA LEU A 484 -2.63 -2.92 -20.09
C LEU A 484 -3.68 -4.00 -19.91
N THR A 485 -3.36 -5.22 -20.31
CA THR A 485 -4.18 -6.40 -20.04
C THR A 485 -3.33 -7.43 -19.30
N ALA A 486 -4.01 -8.41 -18.72
CA ALA A 486 -3.34 -9.41 -17.88
C ALA A 486 -2.30 -10.23 -18.64
N SER A 487 -2.57 -10.49 -19.93
CA SER A 487 -1.67 -11.19 -20.82
C SER A 487 -0.34 -10.42 -20.97
N GLU A 488 -0.42 -9.09 -21.04
CA GLU A 488 0.75 -8.27 -21.19
C GLU A 488 1.46 -8.19 -19.83
N LEU A 489 0.67 -8.20 -18.75
CA LEU A 489 1.27 -8.17 -17.44
C LEU A 489 2.14 -9.41 -17.21
N LEU A 490 1.66 -10.57 -17.66
CA LEU A 490 2.42 -11.78 -17.56
C LEU A 490 3.80 -11.66 -18.22
N ARG A 491 3.83 -11.06 -19.40
CA ARG A 491 5.06 -10.87 -20.18
C ARG A 491 6.02 -9.98 -19.46
N LEU A 492 5.49 -9.03 -18.65
CA LEU A 492 6.32 -8.06 -17.94
C LEU A 492 6.87 -8.52 -16.59
N ILE A 493 6.33 -9.60 -16.04
CA ILE A 493 6.82 -10.12 -14.77
C ILE A 493 8.35 -10.39 -14.73
N PRO A 494 8.90 -11.09 -15.74
CA PRO A 494 10.33 -11.42 -15.62
C PRO A 494 11.21 -10.15 -15.71
N GLU A 495 10.70 -9.12 -16.37
CA GLU A 495 11.43 -7.85 -16.46
C GLU A 495 11.44 -7.15 -15.09
N ALA A 496 10.30 -7.16 -14.41
CA ALA A 496 10.21 -6.65 -13.05
C ALA A 496 11.17 -7.38 -12.13
N ILE A 497 11.25 -8.69 -12.25
CA ILE A 497 12.22 -9.46 -11.48
C ILE A 497 13.65 -9.06 -11.80
N ARG A 498 13.97 -8.97 -13.08
CA ARG A 498 15.32 -8.51 -13.46
C ARG A 498 15.64 -7.14 -12.88
N ARG A 499 14.71 -6.22 -13.04
CA ARG A 499 14.95 -4.83 -12.60
C ARG A 499 15.08 -4.74 -11.09
N LEU A 500 14.38 -5.60 -10.39
CA LEU A 500 14.44 -5.65 -8.96
C LEU A 500 15.83 -6.07 -8.49
N LYS A 501 16.50 -6.94 -9.25
CA LYS A 501 17.77 -7.56 -8.82
C LYS A 501 19.01 -6.70 -8.93
N ALA B 1 21.24 9.33 1.04
CA ALA B 1 20.14 8.84 1.96
C ALA B 1 20.27 9.07 3.44
N TRP B 2 21.27 9.82 3.93
CA TRP B 2 21.30 10.07 5.39
C TRP B 2 20.07 10.89 5.80
N LEU B 3 19.76 11.92 5.04
CA LEU B 3 18.68 12.83 5.39
C LEU B 3 17.29 12.33 4.94
N PHE B 4 17.18 11.83 3.72
CA PHE B 4 15.86 11.49 3.14
C PHE B 4 15.73 10.06 2.67
N GLU B 5 14.57 9.43 2.96
CA GLU B 5 14.05 8.26 2.22
C GLU B 5 12.99 8.80 1.24
N ALA B 6 13.13 8.48 -0.04
CA ALA B 6 12.29 9.17 -1.09
C ALA B 6 11.19 8.28 -1.64
#